data_3KVR
#
_entry.id   3KVR
#
_cell.length_a   82.416
_cell.length_b   82.416
_cell.length_c   258.592
_cell.angle_alpha   90.00
_cell.angle_beta   90.00
_cell.angle_gamma   90.00
#
_symmetry.space_group_name_H-M   'P 41 21 2'
#
loop_
_entity.id
_entity.type
_entity.pdbx_description
1 polymer 'Uridine phosphorylase'
2 non-polymer 5-FLUOROURACIL
3 non-polymer 'SULFATE ION'
4 non-polymer 2,5-anhydro-4-deoxy-D-erythro-pent-4-enitol
5 water water
#
_entity_poly.entity_id   1
_entity_poly.type   'polypeptide(L)'
_entity_poly.pdbx_seq_one_letter_code
;MASTAAETEKPEDHNDLVQLCNPHIAAMKEDILYHFSLSTSTHDFPAMFGDVKFVCVGGSPSRMKAFIKYVAMELGFAHP
GADYPNICEGTDRYAMFKVGPVLSVSHGMGVPSIAIMLHELIKLLYHAHCSGVTLIRIGTSGGIGLEPGSVVITRQAVDP
CFKPEFEQIVLGKREVRNTDLDEQLVQELARCSAELGEFPTVVGNTMCTLDFYEGQGRLDGALCSYTEKDKQDYLRAAYA
AGIRNIEMEASVFAAMCNACGLRAAVVCVTLLNRLEGDQISSPHDVLAEYQQRPQRLVGQFIKKRLMQA
;
_entity_poly.pdbx_strand_id   A,B
#
loop_
_chem_comp.id
_chem_comp.type
_chem_comp.name
_chem_comp.formula
R2G L-saccharide 2,5-anhydro-4-deoxy-D-erythro-pent-4-enitol 'C5 H8 O3'
SO4 non-polymer 'SULFATE ION' 'O4 S -2'
URF non-polymer 5-FLUOROURACIL 'C4 H3 F N2 O2'
#
# COMPACT_ATOMS: atom_id res chain seq x y z
N LEU A 17 3.84 -29.18 -4.73
CA LEU A 17 3.21 -28.79 -3.40
C LEU A 17 3.79 -27.54 -2.77
N VAL A 18 2.89 -26.65 -2.33
CA VAL A 18 3.30 -25.35 -1.80
C VAL A 18 3.96 -25.49 -0.43
N GLN A 19 4.97 -24.70 -0.11
CA GLN A 19 5.56 -24.81 1.20
C GLN A 19 6.17 -23.51 1.75
N LEU A 20 6.35 -23.47 3.08
CA LEU A 20 6.81 -22.24 3.74
C LEU A 20 8.10 -22.46 4.35
N CYS A 21 8.91 -21.41 4.36
CA CYS A 21 10.13 -21.45 5.13
C CYS A 21 9.83 -20.78 6.40
N ASN A 22 8.84 -21.34 7.10
CA ASN A 22 8.59 -21.00 8.48
C ASN A 22 8.16 -22.17 9.34
N PRO A 23 9.09 -22.73 10.11
CA PRO A 23 8.69 -23.89 10.93
C PRO A 23 7.69 -23.57 12.05
N HIS A 24 7.43 -22.29 12.37
CA HIS A 24 6.52 -22.00 13.50
C HIS A 24 5.08 -22.26 13.14
N ILE A 25 4.79 -22.31 11.86
CA ILE A 25 3.40 -22.37 11.46
C ILE A 25 2.79 -23.71 11.76
N ALA A 26 3.51 -24.79 11.46
CA ALA A 26 3.04 -26.18 11.69
C ALA A 26 2.60 -26.37 13.13
N ALA A 27 3.33 -25.75 14.07
CA ALA A 27 3.02 -25.75 15.52
C ALA A 27 1.79 -24.96 16.00
N MET A 28 1.16 -24.15 15.16
CA MET A 28 0.14 -23.23 15.67
C MET A 28 -1.23 -23.85 15.75
N LYS A 29 -1.93 -23.64 16.86
CA LYS A 29 -3.27 -24.21 17.02
C LYS A 29 -4.23 -23.51 16.07
N GLU A 30 -4.11 -22.20 15.92
CA GLU A 30 -4.80 -21.53 14.81
C GLU A 30 -3.87 -20.56 14.08
N ASP A 31 -4.20 -20.23 12.84
CA ASP A 31 -3.51 -19.20 12.03
C ASP A 31 -4.60 -18.26 11.52
N ILE A 32 -4.50 -17.01 11.95
CA ILE A 32 -5.46 -16.02 11.65
C ILE A 32 -4.84 -15.22 10.55
N LEU A 33 -5.50 -15.12 9.42
CA LEU A 33 -4.97 -14.25 8.35
C LEU A 33 -5.70 -12.95 8.43
N TYR A 34 -5.15 -12.13 9.31
CA TYR A 34 -5.78 -10.95 9.74
C TYR A 34 -6.18 -10.02 8.62
N HIS A 35 -5.28 -9.77 7.66
CA HIS A 35 -5.71 -8.76 6.69
C HIS A 35 -6.66 -9.30 5.64
N PHE A 36 -6.75 -10.63 5.55
CA PHE A 36 -7.79 -11.23 4.69
C PHE A 36 -9.03 -11.41 5.45
N SER A 37 -8.91 -11.43 6.77
CA SER A 37 -10.09 -11.63 7.63
C SER A 37 -10.62 -13.10 7.47
N LEU A 38 -9.65 -14.01 7.57
CA LEU A 38 -9.83 -15.39 7.29
C LEU A 38 -9.04 -16.08 8.35
N SER A 39 -9.51 -17.25 8.78
CA SER A 39 -8.81 -17.95 9.83
C SER A 39 -8.87 -19.46 9.65
N THR A 40 -7.91 -20.22 10.14
CA THR A 40 -7.96 -21.70 10.03
C THR A 40 -9.16 -22.22 10.81
N SER A 41 -9.46 -21.58 11.91
CA SER A 41 -10.55 -22.08 12.68
C SER A 41 -11.97 -21.57 12.29
N THR A 42 -12.11 -20.62 11.37
CA THR A 42 -13.46 -20.16 10.99
C THR A 42 -13.73 -20.44 9.55
N HIS A 43 -12.68 -20.94 8.86
CA HIS A 43 -12.64 -21.12 7.39
C HIS A 43 -11.92 -22.41 7.07
N ASP A 44 -12.46 -23.12 6.09
CA ASP A 44 -11.96 -24.41 5.69
C ASP A 44 -11.08 -24.15 4.49
N PHE A 45 -9.78 -24.19 4.68
CA PHE A 45 -8.95 -23.75 3.56
C PHE A 45 -8.96 -24.75 2.39
N PRO A 46 -8.75 -26.04 2.75
CA PRO A 46 -8.72 -27.12 1.75
C PRO A 46 -10.00 -27.09 1.01
N ALA A 47 -11.13 -26.98 1.69
CA ALA A 47 -12.37 -26.96 0.92
C ALA A 47 -12.43 -25.75 0.03
N MET A 48 -11.88 -24.61 0.51
CA MET A 48 -12.07 -23.37 -0.24
C MET A 48 -11.08 -23.26 -1.34
N PHE A 49 -9.87 -23.77 -1.12
CA PHE A 49 -8.77 -23.43 -2.04
C PHE A 49 -7.94 -24.57 -2.58
N GLY A 50 -8.20 -25.79 -2.17
CA GLY A 50 -7.32 -26.88 -2.50
C GLY A 50 -7.21 -27.04 -3.99
N ASP A 51 -8.25 -26.69 -4.73
CA ASP A 51 -8.15 -26.91 -6.16
C ASP A 51 -7.48 -25.79 -6.93
N VAL A 52 -6.93 -24.78 -6.21
CA VAL A 52 -6.38 -23.59 -6.92
C VAL A 52 -5.05 -23.90 -7.60
N LYS A 53 -4.94 -23.51 -8.86
CA LYS A 53 -3.69 -23.77 -9.61
C LYS A 53 -3.04 -22.51 -10.07
N PHE A 54 -3.84 -21.49 -10.33
CA PHE A 54 -3.27 -20.22 -10.79
C PHE A 54 -3.65 -19.06 -9.86
N VAL A 55 -2.67 -18.38 -9.31
CA VAL A 55 -3.04 -17.25 -8.51
C VAL A 55 -2.64 -15.95 -9.22
N CYS A 56 -3.63 -15.15 -9.58
CA CYS A 56 -3.46 -13.82 -10.13
C CYS A 56 -3.69 -12.68 -9.16
N VAL A 57 -2.73 -11.77 -9.08
CA VAL A 57 -2.73 -10.72 -8.07
C VAL A 57 -2.50 -9.40 -8.77
N GLY A 58 -3.25 -8.38 -8.36
CA GLY A 58 -3.08 -7.05 -8.94
C GLY A 58 -3.43 -6.00 -7.92
N GLY A 59 -3.08 -4.72 -8.18
CA GLY A 59 -3.29 -3.65 -7.21
C GLY A 59 -4.75 -3.44 -6.83
N SER A 60 -5.61 -3.30 -7.84
CA SER A 60 -6.98 -2.76 -7.76
C SER A 60 -8.03 -3.85 -7.60
N PRO A 61 -8.87 -3.76 -6.58
CA PRO A 61 -9.97 -4.73 -6.41
C PRO A 61 -11.06 -4.72 -7.49
N SER A 62 -11.29 -3.64 -8.22
CA SER A 62 -12.21 -3.72 -9.38
C SER A 62 -11.59 -4.47 -10.57
N ARG A 63 -10.29 -4.19 -10.84
CA ARG A 63 -9.55 -4.85 -11.87
C ARG A 63 -9.59 -6.38 -11.58
N MET A 64 -9.40 -6.76 -10.33
CA MET A 64 -9.28 -8.20 -10.06
C MET A 64 -10.66 -8.89 -10.10
N LYS A 65 -11.72 -8.15 -9.80
CA LYS A 65 -13.03 -8.72 -9.97
C LYS A 65 -13.29 -8.85 -11.44
N ALA A 66 -12.95 -7.82 -12.19
CA ALA A 66 -13.09 -7.84 -13.65
C ALA A 66 -12.34 -9.03 -14.26
N PHE A 67 -11.10 -9.22 -13.84
CA PHE A 67 -10.34 -10.33 -14.29
C PHE A 67 -11.02 -11.64 -13.94
N ILE A 68 -11.50 -11.84 -12.73
CA ILE A 68 -11.98 -13.20 -12.48
C ILE A 68 -13.16 -13.47 -13.39
N LYS A 69 -13.85 -12.44 -13.83
CA LYS A 69 -15.05 -12.73 -14.55
C LYS A 69 -14.84 -12.82 -16.07
N TYR A 70 -13.93 -12.03 -16.62
CA TYR A 70 -13.34 -12.32 -17.92
C TYR A 70 -12.82 -13.79 -17.97
N VAL A 71 -12.10 -14.25 -16.98
CA VAL A 71 -11.56 -15.56 -17.03
C VAL A 71 -12.66 -16.60 -16.98
N ALA A 72 -13.56 -16.48 -16.02
CA ALA A 72 -14.74 -17.30 -15.97
C ALA A 72 -15.37 -17.52 -17.33
N MET A 73 -15.58 -16.45 -18.11
CA MET A 73 -16.30 -16.63 -19.34
C MET A 73 -15.45 -16.93 -20.51
N GLU A 74 -14.23 -17.37 -20.25
CA GLU A 74 -13.29 -17.61 -21.28
C GLU A 74 -12.81 -19.04 -21.05
N LEU A 75 -13.04 -19.55 -19.86
CA LEU A 75 -12.92 -20.97 -19.60
C LEU A 75 -14.28 -21.65 -19.60
N GLY A 76 -15.31 -20.95 -20.11
CA GLY A 76 -16.70 -21.38 -19.96
C GLY A 76 -17.09 -21.73 -18.54
N PHE A 77 -17.40 -20.73 -17.74
CA PHE A 77 -18.17 -20.94 -16.51
C PHE A 77 -19.21 -19.82 -16.51
N ALA A 78 -19.37 -19.15 -17.64
CA ALA A 78 -20.15 -17.90 -17.76
C ALA A 78 -21.66 -18.06 -17.61
N HIS A 79 -22.06 -18.71 -16.52
CA HIS A 79 -23.48 -18.99 -16.21
C HIS A 79 -24.35 -17.69 -15.99
N PRO A 80 -25.64 -17.84 -15.57
CA PRO A 80 -26.49 -16.63 -15.70
C PRO A 80 -26.51 -15.79 -14.40
N GLY A 81 -26.74 -16.47 -13.25
CA GLY A 81 -26.62 -15.89 -11.89
C GLY A 81 -25.17 -15.66 -11.47
N ALA A 82 -24.30 -15.63 -12.48
CA ALA A 82 -23.00 -14.98 -12.46
C ALA A 82 -22.91 -13.86 -11.40
N ASP A 83 -22.49 -14.24 -10.19
CA ASP A 83 -21.90 -13.28 -9.27
C ASP A 83 -20.69 -13.99 -8.72
N TYR A 84 -19.65 -13.21 -8.53
CA TYR A 84 -18.48 -13.76 -7.92
C TYR A 84 -18.31 -13.01 -6.60
N PRO A 85 -18.63 -13.69 -5.49
CA PRO A 85 -18.53 -13.13 -4.14
C PRO A 85 -17.08 -12.83 -3.78
N ASN A 86 -16.89 -11.70 -3.10
CA ASN A 86 -15.56 -11.30 -2.58
C ASN A 86 -15.36 -12.14 -1.36
N ILE A 87 -14.41 -13.07 -1.37
CA ILE A 87 -14.37 -13.97 -0.22
C ILE A 87 -13.76 -13.24 0.98
N CYS A 88 -13.19 -12.08 0.75
CA CYS A 88 -12.74 -11.24 1.82
C CYS A 88 -13.76 -10.24 2.26
N GLU A 89 -15.05 -10.37 1.92
CA GLU A 89 -16.07 -9.45 2.48
C GLU A 89 -16.01 -9.65 4.00
N GLY A 90 -15.45 -8.73 4.74
CA GLY A 90 -14.83 -9.16 6.01
C GLY A 90 -13.79 -8.10 6.35
N THR A 91 -13.14 -7.58 5.31
CA THR A 91 -12.24 -6.55 5.48
C THR A 91 -12.40 -5.70 4.28
N ASP A 92 -11.76 -4.54 4.32
CA ASP A 92 -11.61 -3.77 3.11
C ASP A 92 -10.13 -3.63 2.68
N ARG A 93 -9.26 -4.45 3.29
CA ARG A 93 -7.85 -4.40 2.97
C ARG A 93 -7.49 -4.90 1.56
N TYR A 94 -8.08 -6.04 1.15
CA TYR A 94 -7.89 -6.69 -0.10
C TYR A 94 -9.22 -7.32 -0.52
N ALA A 95 -9.37 -7.50 -1.82
CA ALA A 95 -10.47 -8.29 -2.34
C ALA A 95 -9.91 -9.63 -2.87
N MET A 96 -10.73 -10.66 -2.84
CA MET A 96 -10.35 -11.98 -3.28
C MET A 96 -11.56 -12.73 -3.94
N PHE A 97 -11.29 -13.34 -5.11
CA PHE A 97 -12.30 -14.03 -5.85
C PHE A 97 -11.78 -15.34 -6.45
N LYS A 98 -12.71 -16.26 -6.69
CA LYS A 98 -12.33 -17.58 -7.15
C LYS A 98 -13.31 -18.11 -8.21
N VAL A 99 -12.77 -18.66 -9.28
CA VAL A 99 -13.59 -19.52 -10.08
C VAL A 99 -12.76 -20.71 -10.56
N GLY A 100 -13.25 -21.92 -10.32
CA GLY A 100 -12.45 -23.03 -10.75
C GLY A 100 -11.07 -23.02 -10.11
N PRO A 101 -10.03 -23.37 -10.87
CA PRO A 101 -8.64 -23.45 -10.34
C PRO A 101 -7.96 -22.01 -10.32
N VAL A 102 -8.78 -20.98 -10.50
CA VAL A 102 -8.28 -19.62 -10.57
C VAL A 102 -8.72 -18.70 -9.41
N LEU A 103 -7.70 -18.15 -8.73
CA LEU A 103 -7.86 -17.20 -7.64
C LEU A 103 -7.24 -15.87 -8.07
N SER A 104 -8.01 -14.82 -7.84
CA SER A 104 -7.74 -13.45 -8.19
C SER A 104 -7.77 -12.62 -6.87
N VAL A 105 -6.67 -11.93 -6.54
CA VAL A 105 -6.48 -11.25 -5.27
C VAL A 105 -5.93 -9.83 -5.54
N SER A 106 -6.49 -8.84 -4.87
CA SER A 106 -6.01 -7.49 -4.99
C SER A 106 -4.94 -7.32 -3.92
N HIS A 107 -4.00 -6.38 -4.17
CA HIS A 107 -2.84 -6.25 -3.24
C HIS A 107 -2.48 -4.81 -2.82
N GLY A 108 -3.30 -3.82 -3.23
CA GLY A 108 -3.02 -2.39 -2.94
C GLY A 108 -1.73 -1.93 -3.67
N MET A 109 -1.14 -0.78 -3.28
CA MET A 109 0.07 -0.26 -3.95
C MET A 109 1.26 -0.33 -3.04
N GLY A 110 2.38 -0.81 -3.56
CA GLY A 110 3.64 -0.65 -2.83
C GLY A 110 4.12 -2.00 -2.32
N VAL A 111 5.44 -2.11 -2.23
CA VAL A 111 6.05 -3.25 -1.71
C VAL A 111 5.43 -3.74 -0.41
N PRO A 112 5.29 -2.87 0.61
CA PRO A 112 4.75 -3.45 1.89
C PRO A 112 3.34 -4.01 1.81
N SER A 113 2.44 -3.35 1.07
CA SER A 113 1.06 -3.81 0.94
C SER A 113 0.93 -5.18 0.23
N ILE A 114 1.74 -5.37 -0.80
CA ILE A 114 1.80 -6.69 -1.44
C ILE A 114 2.57 -7.70 -0.55
N ALA A 115 3.62 -7.31 0.16
CA ALA A 115 4.29 -8.28 1.07
C ALA A 115 3.31 -8.89 2.13
N ILE A 116 2.44 -8.04 2.73
CA ILE A 116 1.42 -8.49 3.66
C ILE A 116 0.52 -9.48 2.96
N MET A 117 0.05 -9.08 1.78
CA MET A 117 -0.80 -9.98 1.00
C MET A 117 -0.07 -11.33 0.71
N LEU A 118 1.18 -11.28 0.33
CA LEU A 118 1.90 -12.53 -0.02
C LEU A 118 2.13 -13.41 1.18
N HIS A 119 2.51 -12.83 2.31
CA HIS A 119 2.73 -13.62 3.47
C HIS A 119 1.49 -14.45 3.76
N GLU A 120 0.32 -13.80 3.74
CA GLU A 120 -0.94 -14.45 4.08
C GLU A 120 -1.40 -15.36 2.93
N LEU A 121 -1.15 -14.95 1.69
CA LEU A 121 -1.54 -15.79 0.55
C LEU A 121 -0.74 -17.08 0.52
N ILE A 122 0.56 -16.97 0.66
CA ILE A 122 1.35 -18.13 0.66
C ILE A 122 0.93 -19.08 1.74
N LYS A 123 0.84 -18.60 2.99
CA LYS A 123 0.30 -19.41 4.10
C LYS A 123 -1.04 -20.08 3.69
N LEU A 124 -1.96 -19.30 3.15
CA LEU A 124 -3.23 -19.83 2.78
C LEU A 124 -3.08 -21.01 1.82
N LEU A 125 -2.26 -20.84 0.77
CA LEU A 125 -2.02 -21.87 -0.24
C LEU A 125 -1.60 -23.10 0.48
N TYR A 126 -0.78 -22.92 1.50
CA TYR A 126 -0.18 -24.03 2.12
C TYR A 126 -1.20 -24.71 3.03
N HIS A 127 -1.99 -23.96 3.75
CA HIS A 127 -3.03 -24.59 4.53
C HIS A 127 -4.04 -25.23 3.66
N ALA A 128 -4.19 -24.80 2.42
CA ALA A 128 -5.15 -25.47 1.56
C ALA A 128 -4.49 -26.73 0.96
N HIS A 129 -3.17 -26.88 1.24
CA HIS A 129 -2.33 -27.97 0.70
C HIS A 129 -2.53 -28.03 -0.88
N CYS A 130 -2.48 -26.85 -1.52
CA CYS A 130 -2.42 -26.68 -2.97
C CYS A 130 -1.17 -27.21 -3.68
N SER A 131 -1.28 -27.51 -4.98
CA SER A 131 -0.11 -28.05 -5.70
C SER A 131 -0.09 -27.61 -7.14
N GLY A 132 1.12 -27.69 -7.73
CA GLY A 132 1.43 -27.14 -9.04
C GLY A 132 0.91 -25.72 -9.25
N VAL A 133 1.19 -24.83 -8.33
CA VAL A 133 0.57 -23.49 -8.42
C VAL A 133 1.48 -22.53 -9.19
N THR A 134 0.87 -21.56 -9.86
CA THR A 134 1.59 -20.46 -10.55
C THR A 134 1.06 -19.12 -10.08
N LEU A 135 1.96 -18.24 -9.72
CA LEU A 135 1.60 -16.86 -9.26
C LEU A 135 1.98 -15.89 -10.35
N ILE A 136 1.00 -15.12 -10.79
CA ILE A 136 1.30 -14.08 -11.71
C ILE A 136 0.77 -12.73 -11.20
N ARG A 137 1.62 -11.70 -11.26
CA ARG A 137 1.13 -10.32 -11.00
C ARG A 137 0.64 -9.67 -12.27
N ILE A 138 -0.60 -9.18 -12.32
CA ILE A 138 -0.97 -8.45 -13.52
C ILE A 138 -1.12 -7.00 -13.13
N GLY A 139 -0.32 -6.11 -13.67
CA GLY A 139 -0.27 -4.78 -13.07
C GLY A 139 -0.09 -3.76 -14.14
N THR A 140 0.12 -2.52 -13.71
CA THR A 140 0.37 -1.39 -14.57
C THR A 140 1.74 -0.84 -14.21
N SER A 141 2.31 -0.04 -15.11
CA SER A 141 3.67 0.52 -14.89
C SER A 141 3.88 1.69 -15.83
N GLY A 142 4.96 2.44 -15.63
CA GLY A 142 5.42 3.39 -16.61
C GLY A 142 6.48 2.68 -17.48
N GLY A 143 6.41 2.85 -18.81
CA GLY A 143 7.45 2.27 -19.68
C GLY A 143 8.60 3.23 -19.95
N ILE A 144 9.77 2.66 -20.22
CA ILE A 144 10.85 3.51 -20.68
C ILE A 144 11.11 3.16 -22.14
N GLY A 145 10.82 4.06 -23.11
CA GLY A 145 11.25 3.85 -24.51
C GLY A 145 10.37 2.86 -25.24
N LEU A 146 9.11 2.75 -24.81
CA LEU A 146 8.10 1.86 -25.38
C LEU A 146 6.90 2.69 -25.73
N GLU A 147 6.12 2.28 -26.72
CA GLU A 147 4.88 2.96 -26.95
C GLU A 147 3.98 2.67 -25.71
N PRO A 148 3.12 3.64 -25.31
CA PRO A 148 2.12 3.35 -24.25
C PRO A 148 1.22 2.19 -24.67
N GLY A 149 0.80 1.35 -23.73
CA GLY A 149 -0.01 0.21 -24.04
C GLY A 149 0.82 -1.05 -24.20
N SER A 150 2.13 -0.91 -24.26
CA SER A 150 3.00 -2.08 -24.33
C SER A 150 2.99 -2.89 -23.09
N VAL A 151 2.91 -4.21 -23.24
CA VAL A 151 3.01 -5.10 -22.10
C VAL A 151 4.45 -5.58 -21.92
N VAL A 152 4.96 -5.56 -20.68
CA VAL A 152 6.32 -6.01 -20.37
C VAL A 152 6.25 -7.25 -19.55
N ILE A 153 6.93 -8.31 -19.96
CA ILE A 153 6.88 -9.45 -19.11
C ILE A 153 8.23 -9.50 -18.44
N THR A 154 8.26 -9.46 -17.10
CA THR A 154 9.49 -9.14 -16.45
C THR A 154 10.51 -10.27 -16.35
N ARG A 155 11.76 -10.03 -16.73
CA ARG A 155 12.81 -11.06 -16.59
C ARG A 155 13.41 -11.03 -15.21
N GLN A 156 13.91 -9.88 -14.77
CA GLN A 156 14.45 -9.71 -13.43
C GLN A 156 13.85 -8.46 -12.85
N ALA A 157 13.40 -8.53 -11.62
CA ALA A 157 12.96 -7.32 -10.92
C ALA A 157 14.23 -6.74 -10.55
N VAL A 158 14.29 -5.45 -10.52
CA VAL A 158 15.57 -4.87 -10.21
C VAL A 158 15.24 -3.63 -9.33
N ASP A 159 16.18 -3.21 -8.51
CA ASP A 159 15.98 -2.05 -7.68
C ASP A 159 16.34 -0.75 -8.40
N PRO A 160 16.28 0.40 -7.70
CA PRO A 160 16.63 1.65 -8.34
C PRO A 160 18.05 1.82 -8.68
N CYS A 161 18.96 0.96 -8.20
CA CYS A 161 20.32 0.90 -8.77
C CYS A 161 20.48 -0.15 -9.88
N PHE A 162 19.35 -0.64 -10.39
CA PHE A 162 19.37 -1.66 -11.38
C PHE A 162 19.95 -3.01 -10.94
N LYS A 163 20.13 -3.25 -9.64
CA LYS A 163 20.56 -4.61 -9.21
C LYS A 163 19.34 -5.53 -8.91
N PRO A 164 19.45 -6.85 -9.19
CA PRO A 164 18.36 -7.83 -8.93
C PRO A 164 18.30 -8.30 -7.49
N GLU A 165 18.02 -7.37 -6.60
CA GLU A 165 18.12 -7.65 -5.19
C GLU A 165 16.97 -6.96 -4.50
N PHE A 166 16.44 -7.63 -3.50
CA PHE A 166 15.44 -7.05 -2.71
C PHE A 166 16.02 -6.98 -1.30
N GLU A 167 16.03 -5.78 -0.72
CA GLU A 167 16.57 -5.55 0.58
C GLU A 167 15.45 -5.53 1.65
N GLN A 168 15.58 -6.34 2.68
CA GLN A 168 14.69 -6.25 3.79
C GLN A 168 15.45 -6.11 5.11
N ILE A 169 14.92 -5.36 6.06
CA ILE A 169 15.52 -5.30 7.37
C ILE A 169 14.78 -6.16 8.36
N VAL A 170 15.49 -7.06 9.03
CA VAL A 170 14.89 -8.06 9.87
C VAL A 170 15.65 -7.98 11.17
N LEU A 171 14.88 -7.85 12.23
CA LEU A 171 15.41 -7.56 13.54
C LEU A 171 16.51 -6.54 13.52
N GLY A 172 16.31 -5.41 12.89
CA GLY A 172 17.41 -4.45 12.78
C GLY A 172 18.54 -4.76 11.79
N LYS A 173 18.68 -5.98 11.28
CA LYS A 173 19.81 -6.15 10.39
C LYS A 173 19.27 -6.38 8.98
N ARG A 174 20.05 -5.91 8.03
CA ARG A 174 19.69 -5.86 6.64
C ARG A 174 19.97 -7.18 5.92
N GLU A 175 19.01 -7.63 5.09
CA GLU A 175 19.18 -8.86 4.30
C GLU A 175 18.67 -8.67 2.89
N VAL A 176 19.18 -9.49 1.98
CA VAL A 176 18.87 -9.38 0.56
C VAL A 176 18.50 -10.73 -0.03
N ARG A 177 17.54 -10.74 -0.93
CA ARG A 177 17.17 -11.92 -1.66
C ARG A 177 17.25 -11.59 -3.15
N ASN A 178 17.58 -12.57 -3.98
CA ASN A 178 17.68 -12.36 -5.41
C ASN A 178 16.26 -12.21 -5.99
N THR A 179 16.11 -11.43 -7.06
CA THR A 179 14.78 -11.20 -7.58
C THR A 179 14.59 -11.68 -9.03
N ASP A 180 15.24 -12.77 -9.42
CA ASP A 180 15.09 -13.34 -10.79
C ASP A 180 13.75 -13.95 -10.87
N LEU A 181 13.11 -13.85 -12.02
CA LEU A 181 11.89 -14.60 -12.27
C LEU A 181 12.21 -15.80 -13.17
N ASP A 182 11.36 -16.82 -13.13
CA ASP A 182 11.54 -18.10 -13.82
C ASP A 182 11.68 -17.93 -15.33
N GLU A 183 12.80 -18.39 -15.86
CA GLU A 183 13.09 -18.09 -17.25
C GLU A 183 12.12 -18.82 -18.20
N GLN A 184 11.66 -20.01 -17.84
CA GLN A 184 10.83 -20.78 -18.73
C GLN A 184 9.40 -20.23 -18.75
N LEU A 185 8.95 -19.71 -17.63
CA LEU A 185 7.67 -19.02 -17.58
C LEU A 185 7.66 -17.73 -18.43
N VAL A 186 8.74 -16.91 -18.40
CA VAL A 186 8.63 -15.68 -19.12
C VAL A 186 8.56 -15.96 -20.59
N GLN A 187 9.28 -16.98 -21.05
CA GLN A 187 9.22 -17.33 -22.48
C GLN A 187 7.89 -17.91 -22.89
N GLU A 188 7.27 -18.69 -21.98
CA GLU A 188 6.00 -19.23 -22.27
C GLU A 188 4.92 -18.13 -22.42
N LEU A 189 5.05 -17.06 -21.65
CA LEU A 189 4.05 -16.03 -21.73
C LEU A 189 4.34 -15.18 -22.98
N ALA A 190 5.62 -15.07 -23.34
CA ALA A 190 5.90 -14.42 -24.62
C ALA A 190 5.19 -15.18 -25.79
N ARG A 191 5.30 -16.52 -25.77
CA ARG A 191 4.61 -17.30 -26.76
C ARG A 191 3.09 -17.04 -26.73
N CYS A 192 2.47 -16.93 -25.55
CA CYS A 192 1.02 -16.65 -25.50
C CYS A 192 0.63 -15.34 -26.16
N SER A 193 1.42 -14.31 -25.89
CA SER A 193 1.08 -12.99 -26.30
C SER A 193 1.17 -13.04 -27.82
N ALA A 194 2.22 -13.67 -28.32
CA ALA A 194 2.38 -13.89 -29.75
C ALA A 194 1.18 -14.65 -30.33
N GLU A 195 0.62 -15.61 -29.59
CA GLU A 195 -0.60 -16.27 -30.13
C GLU A 195 -1.81 -15.38 -30.24
N LEU A 196 -1.92 -14.38 -29.35
CA LEU A 196 -3.04 -13.47 -29.41
C LEU A 196 -2.86 -12.46 -30.51
N GLY A 197 -1.60 -12.06 -30.70
CA GLY A 197 -1.23 -11.03 -31.65
C GLY A 197 -2.09 -9.79 -31.58
N GLU A 198 -2.23 -9.19 -30.40
CA GLU A 198 -3.11 -7.98 -30.19
C GLU A 198 -2.39 -6.74 -29.71
N PHE A 199 -1.27 -6.89 -29.02
CA PHE A 199 -0.63 -5.69 -28.52
C PHE A 199 0.81 -6.05 -28.37
N PRO A 200 1.66 -5.07 -28.44
CA PRO A 200 3.07 -5.34 -28.32
C PRO A 200 3.42 -5.87 -26.97
N THR A 201 4.39 -6.79 -26.89
CA THR A 201 4.80 -7.41 -25.64
C THR A 201 6.28 -7.62 -25.73
N VAL A 202 7.00 -7.07 -24.77
CA VAL A 202 8.42 -7.31 -24.72
C VAL A 202 8.81 -7.86 -23.41
N VAL A 203 9.94 -8.56 -23.41
CA VAL A 203 10.55 -9.09 -22.20
C VAL A 203 11.74 -8.23 -21.90
N GLY A 204 11.79 -7.75 -20.64
CA GLY A 204 12.83 -6.88 -20.14
C GLY A 204 12.84 -6.83 -18.62
N ASN A 205 13.62 -5.94 -18.09
CA ASN A 205 13.64 -5.82 -16.68
C ASN A 205 12.70 -4.73 -16.16
N THR A 206 12.31 -4.90 -14.89
CA THR A 206 11.39 -3.99 -14.24
C THR A 206 11.99 -3.47 -12.98
N MET A 207 12.08 -2.14 -12.94
CA MET A 207 12.58 -1.45 -11.79
C MET A 207 11.43 -1.27 -10.82
N CYS A 208 11.71 -1.53 -9.55
CA CYS A 208 10.68 -1.50 -8.58
C CYS A 208 11.06 -0.49 -7.56
N THR A 209 10.19 0.48 -7.33
CA THR A 209 10.51 1.58 -6.42
C THR A 209 9.54 1.75 -5.30
N LEU A 210 9.97 2.42 -4.24
CA LEU A 210 9.15 2.76 -3.08
C LEU A 210 8.34 4.06 -3.10
N ASP A 211 8.38 4.76 -4.23
CA ASP A 211 7.68 6.02 -4.34
C ASP A 211 7.44 6.21 -5.80
N PHE A 212 6.21 6.52 -6.16
CA PHE A 212 5.76 6.78 -7.53
C PHE A 212 6.30 8.10 -8.07
N TYR A 213 6.70 9.03 -7.19
CA TYR A 213 6.94 10.41 -7.68
C TYR A 213 8.44 10.67 -7.75
N GLU A 214 9.04 11.07 -6.62
CA GLU A 214 10.46 11.18 -6.60
C GLU A 214 11.08 9.87 -6.82
N GLY A 215 10.47 8.73 -6.42
CA GLY A 215 11.08 7.43 -6.66
C GLY A 215 11.23 6.92 -8.10
N GLN A 216 10.45 7.46 -9.02
CA GLN A 216 10.53 7.06 -10.41
C GLN A 216 10.97 8.27 -11.28
N GLY A 217 11.55 9.26 -10.63
CA GLY A 217 12.08 10.41 -11.33
C GLY A 217 11.00 11.32 -11.89
N ARG A 218 9.75 11.26 -11.36
CA ARG A 218 8.69 12.13 -11.86
C ARG A 218 9.03 13.56 -11.47
N LEU A 219 8.40 14.49 -12.18
CA LEU A 219 8.59 15.90 -11.91
C LEU A 219 7.30 16.59 -11.42
N ASP A 220 6.23 15.83 -11.26
CA ASP A 220 4.99 16.41 -10.89
C ASP A 220 4.48 15.96 -9.49
N GLY A 221 5.38 15.54 -8.60
CA GLY A 221 4.92 15.27 -7.23
C GLY A 221 4.89 16.55 -6.36
N ALA A 222 4.65 16.46 -5.06
CA ALA A 222 4.59 17.66 -4.24
C ALA A 222 5.98 18.15 -3.95
N LEU A 223 6.95 17.25 -4.12
CA LEU A 223 8.40 17.44 -3.87
C LEU A 223 9.18 17.08 -5.14
N CYS A 224 10.13 17.92 -5.53
CA CYS A 224 10.99 17.60 -6.63
C CYS A 224 12.10 18.65 -6.70
N SER A 225 13.34 18.26 -6.47
CA SER A 225 14.37 19.24 -6.62
C SER A 225 15.38 18.90 -7.75
N TYR A 226 14.95 18.11 -8.72
CA TYR A 226 15.81 17.91 -9.88
C TYR A 226 15.17 18.40 -11.15
N THR A 227 15.85 18.21 -12.27
CA THR A 227 15.37 18.77 -13.54
C THR A 227 15.00 17.66 -14.46
N GLU A 228 14.36 18.04 -15.55
CA GLU A 228 14.01 17.17 -16.60
C GLU A 228 15.22 16.45 -17.11
N LYS A 229 16.34 17.14 -17.13
CA LYS A 229 17.54 16.52 -17.64
C LYS A 229 18.02 15.42 -16.72
N ASP A 230 17.92 15.62 -15.43
CA ASP A 230 18.34 14.56 -14.51
C ASP A 230 17.44 13.32 -14.66
N LYS A 231 16.14 13.53 -14.84
CA LYS A 231 15.23 12.46 -15.06
C LYS A 231 15.61 11.63 -16.30
N GLN A 232 15.93 12.33 -17.40
CA GLN A 232 16.26 11.66 -18.67
C GLN A 232 17.55 10.87 -18.48
N ASP A 233 18.55 11.49 -17.90
CA ASP A 233 19.76 10.69 -17.69
C ASP A 233 19.54 9.46 -16.90
N TYR A 234 18.76 9.55 -15.84
CA TYR A 234 18.53 8.42 -14.98
C TYR A 234 17.75 7.36 -15.74
N LEU A 235 16.67 7.78 -16.41
CA LEU A 235 15.86 6.84 -17.12
C LEU A 235 16.57 6.22 -18.28
N ARG A 236 17.37 7.00 -19.01
CA ARG A 236 18.21 6.37 -20.06
C ARG A 236 19.27 5.43 -19.50
N ALA A 237 19.71 5.65 -18.27
CA ALA A 237 20.69 4.70 -17.79
C ALA A 237 19.91 3.41 -17.45
N ALA A 238 18.68 3.56 -16.97
CA ALA A 238 17.89 2.39 -16.65
C ALA A 238 17.67 1.62 -17.96
N TYR A 239 17.31 2.37 -19.01
CA TYR A 239 17.05 1.69 -20.29
C TYR A 239 18.30 0.97 -20.81
N ALA A 240 19.43 1.64 -20.71
CA ALA A 240 20.73 1.00 -21.06
C ALA A 240 20.95 -0.23 -20.21
N ALA A 241 20.34 -0.30 -19.04
CA ALA A 241 20.68 -1.49 -18.28
C ALA A 241 19.61 -2.57 -18.45
N GLY A 242 18.79 -2.45 -19.48
CA GLY A 242 17.82 -3.51 -19.71
C GLY A 242 16.42 -3.29 -19.14
N ILE A 243 16.22 -2.20 -18.39
CA ILE A 243 14.95 -1.98 -17.77
C ILE A 243 13.97 -1.50 -18.79
N ARG A 244 12.74 -2.00 -18.82
CA ARG A 244 11.79 -1.53 -19.84
C ARG A 244 10.51 -0.91 -19.25
N ASN A 245 10.29 -1.15 -17.94
CA ASN A 245 9.23 -0.52 -17.23
C ASN A 245 9.54 -0.29 -15.74
N ILE A 246 8.76 0.54 -15.10
CA ILE A 246 9.06 0.92 -13.73
C ILE A 246 7.80 0.69 -12.93
N GLU A 247 7.92 0.04 -11.80
CA GLU A 247 6.70 -0.06 -11.00
C GLU A 247 6.98 -0.27 -9.50
N MET A 248 6.04 -0.82 -8.74
CA MET A 248 6.26 -0.82 -7.25
C MET A 248 6.02 -2.12 -6.55
N GLU A 249 5.91 -3.23 -7.27
CA GLU A 249 5.68 -4.44 -6.57
C GLU A 249 6.56 -5.58 -6.95
N ALA A 250 7.18 -5.53 -8.13
CA ALA A 250 7.81 -6.69 -8.68
C ALA A 250 8.88 -7.29 -7.76
N SER A 251 9.66 -6.48 -7.08
CA SER A 251 10.77 -7.10 -6.42
C SER A 251 10.41 -7.92 -5.17
N VAL A 252 9.42 -7.54 -4.34
CA VAL A 252 9.23 -8.38 -3.15
C VAL A 252 8.57 -9.64 -3.67
N PHE A 253 7.69 -9.45 -4.64
CA PHE A 253 6.95 -10.52 -5.24
C PHE A 253 7.93 -11.61 -5.75
N ALA A 254 8.94 -11.20 -6.50
CA ALA A 254 9.96 -12.15 -6.93
C ALA A 254 10.71 -12.77 -5.76
N ALA A 255 11.16 -11.92 -4.86
CA ALA A 255 11.93 -12.45 -3.75
C ALA A 255 11.03 -13.41 -2.95
N MET A 256 9.76 -13.14 -2.82
CA MET A 256 9.08 -14.02 -1.94
C MET A 256 8.79 -15.35 -2.59
N CYS A 257 8.56 -15.31 -3.89
CA CYS A 257 8.28 -16.50 -4.62
C CYS A 257 9.51 -17.34 -4.70
N ASN A 258 10.64 -16.72 -4.94
CA ASN A 258 11.88 -17.46 -5.00
C ASN A 258 12.16 -18.12 -3.67
N ALA A 259 11.80 -17.44 -2.60
CA ALA A 259 12.15 -17.96 -1.33
C ALA A 259 11.34 -19.24 -1.07
N CYS A 260 10.11 -19.27 -1.55
CA CYS A 260 9.17 -20.28 -1.19
C CYS A 260 9.14 -21.33 -2.24
N GLY A 261 9.98 -21.12 -3.27
CA GLY A 261 10.09 -22.05 -4.35
C GLY A 261 8.84 -22.03 -5.19
N LEU A 262 8.22 -20.88 -5.39
CA LEU A 262 7.04 -20.84 -6.25
C LEU A 262 7.34 -20.28 -7.60
N ARG A 263 6.54 -20.72 -8.58
CA ARG A 263 6.77 -20.36 -9.95
C ARG A 263 5.90 -19.16 -10.19
N ALA A 264 6.53 -18.06 -10.60
CA ALA A 264 5.91 -16.78 -10.53
C ALA A 264 6.29 -15.95 -11.72
N ALA A 265 5.38 -15.10 -12.21
CA ALA A 265 5.73 -14.16 -13.26
C ALA A 265 5.19 -12.76 -12.97
N VAL A 266 5.77 -11.74 -13.62
CA VAL A 266 5.19 -10.40 -13.59
C VAL A 266 4.83 -9.89 -14.99
N VAL A 267 3.61 -9.40 -15.20
CA VAL A 267 3.14 -8.97 -16.52
C VAL A 267 2.41 -7.66 -16.33
N CYS A 268 2.96 -6.57 -16.85
CA CYS A 268 2.35 -5.26 -16.60
C CYS A 268 2.21 -4.52 -17.89
N VAL A 269 1.11 -3.79 -18.07
CA VAL A 269 0.99 -2.91 -19.19
C VAL A 269 1.68 -1.61 -18.83
N THR A 270 2.15 -0.86 -19.82
CA THR A 270 2.70 0.42 -19.52
C THR A 270 1.63 1.44 -19.81
N LEU A 271 1.37 2.36 -18.91
CA LEU A 271 0.31 3.37 -19.11
C LEU A 271 0.85 4.59 -19.81
N LEU A 272 2.17 4.75 -19.87
CA LEU A 272 2.76 5.89 -20.58
C LEU A 272 4.25 5.66 -20.81
N ASN A 273 4.84 6.43 -21.73
CA ASN A 273 6.28 6.37 -21.91
C ASN A 273 6.99 7.43 -21.08
N ARG A 274 7.74 7.02 -20.08
CA ARG A 274 8.30 7.99 -19.17
C ARG A 274 9.39 8.85 -19.84
N LEU A 275 9.85 8.44 -20.99
CA LEU A 275 10.78 9.32 -21.65
C LEU A 275 10.06 10.50 -22.15
N GLU A 276 8.73 10.46 -22.17
CA GLU A 276 7.93 11.59 -22.66
C GLU A 276 7.14 12.35 -21.63
N GLY A 277 7.08 11.89 -20.39
CA GLY A 277 6.18 12.57 -19.46
C GLY A 277 5.83 11.79 -18.22
N ASP A 278 5.14 12.47 -17.28
CA ASP A 278 4.97 11.88 -15.99
C ASP A 278 3.53 11.62 -15.69
N GLN A 279 2.63 12.38 -16.32
CA GLN A 279 1.25 12.37 -15.93
C GLN A 279 0.55 11.33 -16.73
N ILE A 280 -0.43 10.70 -16.10
CA ILE A 280 -1.20 9.72 -16.82
C ILE A 280 -2.44 10.37 -17.44
N SER A 281 -2.30 10.83 -18.68
CA SER A 281 -3.35 11.66 -19.32
C SER A 281 -4.12 11.02 -20.42
N SER A 282 -3.88 9.75 -20.66
CA SER A 282 -4.71 9.06 -21.63
C SER A 282 -6.19 9.09 -21.18
N PRO A 283 -7.15 9.10 -22.14
CA PRO A 283 -8.60 9.00 -21.88
C PRO A 283 -8.98 7.80 -21.06
N HIS A 284 -9.97 7.91 -20.19
CA HIS A 284 -10.42 6.75 -19.45
C HIS A 284 -10.56 5.53 -20.41
N ASP A 285 -11.16 5.72 -21.61
CA ASP A 285 -11.46 4.57 -22.52
C ASP A 285 -10.17 3.78 -22.88
N VAL A 286 -9.12 4.52 -23.20
CA VAL A 286 -7.83 3.96 -23.53
C VAL A 286 -7.12 3.23 -22.37
N LEU A 287 -7.18 3.81 -21.16
CA LEU A 287 -6.50 3.18 -20.01
C LEU A 287 -7.20 1.93 -19.60
N ALA A 288 -8.54 1.91 -19.74
CA ALA A 288 -9.29 0.72 -19.37
C ALA A 288 -8.83 -0.38 -20.30
N GLU A 289 -8.79 -0.13 -21.60
CA GLU A 289 -8.27 -1.13 -22.51
C GLU A 289 -6.80 -1.52 -22.26
N TYR A 290 -5.91 -0.56 -22.07
CA TYR A 290 -4.58 -0.98 -21.69
C TYR A 290 -4.60 -1.96 -20.55
N GLN A 291 -5.39 -1.71 -19.52
CA GLN A 291 -5.39 -2.58 -18.36
C GLN A 291 -6.00 -3.96 -18.61
N GLN A 292 -6.69 -4.15 -19.71
CA GLN A 292 -7.12 -5.54 -19.97
C GLN A 292 -6.07 -6.33 -20.67
N ARG A 293 -5.03 -5.67 -21.18
CA ARG A 293 -4.03 -6.41 -21.98
C ARG A 293 -3.35 -7.53 -21.16
N PRO A 294 -2.89 -7.22 -19.91
CA PRO A 294 -2.22 -8.31 -19.22
C PRO A 294 -3.30 -9.34 -18.80
N GLN A 295 -4.57 -8.91 -18.67
CA GLN A 295 -5.59 -9.87 -18.35
C GLN A 295 -5.85 -10.84 -19.51
N ARG A 296 -5.74 -10.35 -20.74
CA ARG A 296 -5.91 -11.26 -21.84
C ARG A 296 -4.66 -12.18 -22.03
N LEU A 297 -3.46 -11.67 -21.87
CA LEU A 297 -2.30 -12.53 -21.92
C LEU A 297 -2.44 -13.65 -20.90
N VAL A 298 -2.81 -13.34 -19.67
CA VAL A 298 -2.80 -14.36 -18.67
C VAL A 298 -3.97 -15.32 -18.86
N GLY A 299 -5.10 -14.82 -19.35
CA GLY A 299 -6.18 -15.74 -19.73
C GLY A 299 -5.75 -16.75 -20.82
N GLN A 300 -4.97 -16.33 -21.85
CA GLN A 300 -4.37 -17.33 -22.75
C GLN A 300 -3.53 -18.35 -22.04
N PHE A 301 -2.63 -17.87 -21.20
CA PHE A 301 -1.73 -18.73 -20.57
C PHE A 301 -2.55 -19.76 -19.79
N ILE A 302 -3.62 -19.32 -19.14
CA ILE A 302 -4.43 -20.29 -18.41
C ILE A 302 -5.15 -21.29 -19.33
N LYS A 303 -5.91 -20.75 -20.29
CA LYS A 303 -6.65 -21.50 -21.30
C LYS A 303 -5.74 -22.59 -21.79
N LYS A 304 -4.55 -22.24 -22.22
CA LYS A 304 -3.75 -23.30 -22.78
C LYS A 304 -3.07 -24.24 -21.77
N ARG A 305 -2.97 -23.83 -20.52
CA ARG A 305 -2.37 -24.71 -19.54
C ARG A 305 -3.41 -25.75 -19.18
N LEU A 306 -4.66 -25.34 -19.33
CA LEU A 306 -5.72 -26.18 -18.94
C LEU A 306 -6.06 -27.16 -20.04
N MET A 307 -5.64 -26.85 -21.26
CA MET A 307 -5.83 -27.79 -22.36
C MET A 307 -4.77 -28.88 -22.41
N GLN A 308 -3.74 -28.82 -21.55
CA GLN A 308 -2.78 -29.92 -21.48
C GLN A 308 -3.24 -31.09 -20.55
N ALA A 309 -2.75 -31.13 -19.31
CA ALA A 309 -3.15 -32.16 -18.28
C ALA A 309 -2.09 -32.34 -17.16
N HIS B 14 -3.05 33.67 12.71
CA HIS B 14 -2.88 33.73 11.24
C HIS B 14 -2.47 32.34 10.71
N ASN B 15 -3.24 31.85 9.72
CA ASN B 15 -2.94 30.62 8.96
C ASN B 15 -2.13 30.76 7.62
N ASP B 16 -0.93 30.18 7.59
CA ASP B 16 -0.13 30.19 6.36
C ASP B 16 -0.66 29.31 5.22
N LEU B 17 -0.41 29.76 3.98
CA LEU B 17 -0.85 29.00 2.80
C LEU B 17 -0.04 27.75 2.60
N VAL B 18 -0.72 26.70 2.18
CA VAL B 18 -0.05 25.45 1.78
C VAL B 18 0.91 25.64 0.61
N GLN B 19 2.16 25.27 0.82
CA GLN B 19 3.24 25.42 -0.21
C GLN B 19 3.74 24.09 -0.82
N LEU B 20 4.28 24.10 -2.03
CA LEU B 20 4.97 22.89 -2.46
C LEU B 20 6.44 23.09 -2.42
N CYS B 21 7.20 22.02 -2.57
CA CYS B 21 8.60 22.13 -2.92
C CYS B 21 8.81 21.53 -4.28
N ASN B 22 7.96 21.96 -5.21
CA ASN B 22 8.14 21.54 -6.55
C ASN B 22 7.71 22.66 -7.48
N PRO B 23 8.69 23.36 -8.06
CA PRO B 23 8.48 24.57 -8.91
C PRO B 23 7.77 24.18 -10.20
N HIS B 24 7.78 22.87 -10.57
CA HIS B 24 7.10 22.44 -11.80
C HIS B 24 5.61 22.53 -11.81
N ILE B 25 4.91 22.63 -10.67
CA ILE B 25 3.41 22.56 -10.73
C ILE B 25 2.79 23.86 -11.22
N ALA B 26 3.34 24.98 -10.76
CA ALA B 26 2.93 26.30 -11.33
C ALA B 26 2.91 26.31 -12.86
N ALA B 27 3.89 25.68 -13.52
CA ALA B 27 4.05 25.65 -14.98
C ALA B 27 3.24 24.61 -15.76
N MET B 28 2.35 23.80 -15.15
CA MET B 28 1.60 22.84 -15.97
C MET B 28 0.23 23.36 -16.40
N LYS B 29 -0.18 23.07 -17.62
CA LYS B 29 -1.49 23.53 -18.07
C LYS B 29 -2.59 22.88 -17.20
N GLU B 30 -2.32 21.67 -16.69
CA GLU B 30 -3.31 20.76 -16.06
C GLU B 30 -2.53 19.92 -15.02
N ASP B 31 -3.07 19.69 -13.83
CA ASP B 31 -2.46 18.73 -12.94
C ASP B 31 -3.52 17.65 -12.63
N ILE B 32 -3.25 16.44 -13.09
CA ILE B 32 -4.08 15.23 -12.87
C ILE B 32 -3.58 14.48 -11.63
N LEU B 33 -4.50 14.36 -10.69
CA LEU B 33 -4.29 13.65 -9.43
C LEU B 33 -4.82 12.26 -9.72
N TYR B 34 -3.99 11.51 -10.46
CA TYR B 34 -4.40 10.25 -10.99
C TYR B 34 -4.99 9.28 -9.99
N HIS B 35 -4.41 9.14 -8.81
CA HIS B 35 -4.89 8.11 -7.93
C HIS B 35 -6.09 8.58 -7.20
N PHE B 36 -6.41 9.86 -7.31
CA PHE B 36 -7.65 10.33 -6.73
C PHE B 36 -8.76 10.42 -7.79
N SER B 37 -8.36 10.32 -9.05
CA SER B 37 -9.27 10.63 -10.16
C SER B 37 -9.76 12.06 -10.11
N LEU B 38 -8.90 12.99 -9.83
CA LEU B 38 -9.32 14.37 -9.89
C LEU B 38 -8.32 15.14 -10.74
N SER B 39 -8.72 16.29 -11.23
CA SER B 39 -7.84 17.09 -12.07
C SER B 39 -8.20 18.61 -12.02
N THR B 40 -7.19 19.46 -12.13
CA THR B 40 -7.39 20.91 -12.24
C THR B 40 -8.31 21.30 -13.39
N SER B 41 -8.19 20.60 -14.52
CA SER B 41 -9.07 20.88 -15.65
C SER B 41 -10.55 20.38 -15.51
N THR B 42 -10.85 19.47 -14.56
CA THR B 42 -12.23 18.92 -14.37
C THR B 42 -12.90 19.27 -13.04
N HIS B 43 -12.11 19.71 -12.07
CA HIS B 43 -12.63 20.08 -10.77
C HIS B 43 -12.14 21.46 -10.35
N ASP B 44 -12.99 22.16 -9.60
CA ASP B 44 -12.66 23.44 -8.99
C ASP B 44 -12.15 23.17 -7.57
N PHE B 45 -10.83 23.18 -7.38
CA PHE B 45 -10.31 22.80 -6.10
C PHE B 45 -10.63 23.81 -5.02
N PRO B 46 -10.46 25.11 -5.28
CA PRO B 46 -10.87 26.10 -4.26
C PRO B 46 -12.31 25.99 -3.81
N ALA B 47 -13.21 25.92 -4.76
CA ALA B 47 -14.59 25.78 -4.33
C ALA B 47 -14.71 24.51 -3.46
N MET B 48 -13.99 23.44 -3.84
CA MET B 48 -14.21 22.14 -3.25
C MET B 48 -13.59 21.98 -1.89
N PHE B 49 -12.45 22.63 -1.68
CA PHE B 49 -11.55 22.28 -0.57
C PHE B 49 -10.99 23.49 0.13
N GLY B 50 -11.26 24.68 -0.40
CA GLY B 50 -10.58 25.88 0.07
C GLY B 50 -10.82 26.15 1.54
N ASP B 51 -11.88 25.58 2.09
CA ASP B 51 -12.12 25.77 3.54
C ASP B 51 -11.70 24.55 4.46
N VAL B 52 -10.97 23.57 3.91
CA VAL B 52 -10.46 22.47 4.71
C VAL B 52 -9.41 22.92 5.70
N LYS B 53 -9.54 22.50 6.96
CA LYS B 53 -8.54 22.87 7.95
C LYS B 53 -7.92 21.67 8.66
N PHE B 54 -8.62 20.55 8.65
CA PHE B 54 -8.08 19.39 9.27
C PHE B 54 -8.11 18.23 8.28
N VAL B 55 -6.96 17.60 8.03
CA VAL B 55 -7.03 16.45 7.21
C VAL B 55 -6.70 15.25 8.00
N CYS B 56 -7.66 14.31 8.12
CA CYS B 56 -7.33 13.01 8.75
C CYS B 56 -7.19 11.85 7.79
N VAL B 57 -6.15 11.05 7.99
CA VAL B 57 -5.81 10.07 7.04
C VAL B 57 -5.59 8.78 7.81
N GLY B 58 -5.92 7.65 7.22
CA GLY B 58 -5.90 6.35 7.91
C GLY B 58 -5.99 5.25 6.85
N GLY B 59 -5.64 4.01 7.18
CA GLY B 59 -5.53 2.98 6.14
C GLY B 59 -6.85 2.64 5.44
N SER B 60 -7.84 2.36 6.26
CA SER B 60 -9.05 1.71 5.73
C SER B 60 -10.04 2.73 5.13
N PRO B 61 -10.47 2.55 3.91
CA PRO B 61 -11.56 3.47 3.54
C PRO B 61 -12.86 3.36 4.37
N SER B 62 -13.20 2.21 4.93
CA SER B 62 -14.45 2.20 5.68
C SER B 62 -14.29 2.87 7.07
N ARG B 63 -13.13 2.73 7.66
CA ARG B 63 -12.86 3.48 8.81
C ARG B 63 -12.86 4.99 8.51
N MET B 64 -12.46 5.44 7.32
CA MET B 64 -12.37 6.90 7.12
C MET B 64 -13.75 7.48 6.81
N LYS B 65 -14.65 6.64 6.35
CA LYS B 65 -15.99 7.07 6.17
C LYS B 65 -16.63 7.05 7.56
N ALA B 66 -16.33 6.06 8.36
CA ALA B 66 -16.99 6.03 9.65
C ALA B 66 -16.51 7.29 10.41
N PHE B 67 -15.28 7.66 10.22
CA PHE B 67 -14.77 8.80 10.89
C PHE B 67 -15.44 10.08 10.46
N ILE B 68 -15.62 10.25 9.17
CA ILE B 68 -16.33 11.45 8.77
C ILE B 68 -17.77 11.45 9.34
N LYS B 69 -18.46 10.30 9.43
CA LYS B 69 -19.79 10.31 10.05
C LYS B 69 -19.70 10.71 11.51
N TYR B 70 -18.78 10.10 12.24
CA TYR B 70 -18.60 10.38 13.60
C TYR B 70 -18.28 11.84 13.80
N VAL B 71 -17.41 12.40 12.98
CA VAL B 71 -17.03 13.81 13.14
C VAL B 71 -18.20 14.69 12.87
N ALA B 72 -19.03 14.32 11.90
CA ALA B 72 -20.21 15.15 11.57
C ALA B 72 -21.19 15.28 12.72
N MET B 73 -21.53 14.18 13.38
CA MET B 73 -22.34 14.27 14.58
C MET B 73 -21.76 15.18 15.65
N GLU B 74 -20.48 15.05 15.96
CA GLU B 74 -19.92 15.78 17.06
C GLU B 74 -19.78 17.29 16.87
N LEU B 75 -19.86 17.78 15.66
CA LEU B 75 -19.81 19.21 15.44
C LEU B 75 -21.16 19.69 14.97
N GLY B 76 -22.15 18.82 15.09
CA GLY B 76 -23.51 19.17 14.79
C GLY B 76 -23.71 19.50 13.35
N PHE B 77 -22.88 18.92 12.50
CA PHE B 77 -23.18 18.87 11.08
C PHE B 77 -24.15 17.72 10.69
N ALA B 78 -24.55 16.87 11.65
CA ALA B 78 -25.54 15.77 11.50
C ALA B 78 -26.73 16.05 10.57
N HIS B 79 -27.66 15.10 10.45
CA HIS B 79 -28.98 15.43 9.83
C HIS B 79 -30.11 14.74 10.65
N ASP B 83 -26.26 11.88 4.20
CA ASP B 83 -25.25 11.09 3.44
C ASP B 83 -23.89 11.75 3.06
N TYR B 84 -22.82 10.95 2.86
CA TYR B 84 -21.43 11.45 2.56
C TYR B 84 -20.81 10.88 1.31
N PRO B 85 -20.86 11.62 0.19
CA PRO B 85 -20.33 11.00 -1.02
C PRO B 85 -18.80 10.81 -0.98
N ASN B 86 -18.36 9.69 -1.53
CA ASN B 86 -16.97 9.48 -1.76
C ASN B 86 -16.49 10.38 -2.86
N ILE B 87 -15.59 11.25 -2.52
CA ILE B 87 -15.22 12.24 -3.46
C ILE B 87 -14.36 11.61 -4.54
N CYS B 88 -13.79 10.43 -4.27
CA CYS B 88 -12.99 9.70 -5.28
C CYS B 88 -13.79 8.58 -5.86
N GLU B 89 -15.08 8.82 -6.12
CA GLU B 89 -15.92 7.78 -6.75
C GLU B 89 -15.40 7.28 -8.15
N GLY B 90 -14.57 8.06 -8.85
CA GLY B 90 -13.88 7.55 -10.07
C GLY B 90 -12.62 6.61 -9.97
N THR B 91 -12.26 6.10 -8.78
CA THR B 91 -11.08 5.25 -8.63
C THR B 91 -11.40 4.31 -7.45
N ASP B 92 -10.66 3.21 -7.28
CA ASP B 92 -10.79 2.48 -6.01
C ASP B 92 -9.47 2.51 -5.25
N ARG B 93 -8.62 3.44 -5.59
CA ARG B 93 -7.31 3.51 -5.04
C ARG B 93 -7.37 4.10 -3.61
N TYR B 94 -8.19 5.14 -3.43
CA TYR B 94 -8.26 5.86 -2.17
C TYR B 94 -9.65 6.32 -2.03
N ALA B 95 -10.11 6.44 -0.79
CA ALA B 95 -11.42 7.07 -0.59
C ALA B 95 -11.31 8.44 0.14
N MET B 96 -12.13 9.40 -0.21
CA MET B 96 -12.06 10.73 0.33
C MET B 96 -13.46 11.23 0.75
N PHE B 97 -13.58 11.80 1.96
CA PHE B 97 -14.83 12.38 2.42
C PHE B 97 -14.61 13.76 3.03
N LYS B 98 -15.64 14.64 2.89
CA LYS B 98 -15.59 15.98 3.43
C LYS B 98 -16.84 16.43 4.18
N VAL B 99 -16.67 17.07 5.32
CA VAL B 99 -17.77 17.78 5.92
C VAL B 99 -17.23 18.99 6.57
N GLY B 100 -17.81 20.14 6.24
CA GLY B 100 -17.27 21.38 6.77
C GLY B 100 -15.78 21.38 6.49
N PRO B 101 -14.98 21.72 7.49
CA PRO B 101 -13.52 21.94 7.36
C PRO B 101 -12.66 20.65 7.62
N VAL B 102 -13.34 19.52 7.75
CA VAL B 102 -12.72 18.25 7.89
C VAL B 102 -12.73 17.38 6.60
N LEU B 103 -11.56 16.88 6.26
CA LEU B 103 -11.33 16.04 5.10
C LEU B 103 -10.76 14.78 5.62
N SER B 104 -11.34 13.67 5.20
CA SER B 104 -10.94 12.36 5.61
C SER B 104 -10.46 11.64 4.32
N VAL B 105 -9.36 10.92 4.40
CA VAL B 105 -8.82 10.30 3.23
C VAL B 105 -8.21 8.99 3.59
N SER B 106 -8.48 7.94 2.82
CA SER B 106 -7.89 6.63 3.12
C SER B 106 -6.53 6.58 2.43
N HIS B 107 -5.59 5.78 2.94
CA HIS B 107 -4.28 5.68 2.29
C HIS B 107 -3.70 4.23 2.09
N GLY B 108 -4.47 3.18 2.41
CA GLY B 108 -3.95 1.82 2.23
C GLY B 108 -2.80 1.52 3.16
N MET B 109 -1.99 0.53 2.88
CA MET B 109 -0.95 0.12 3.84
C MET B 109 0.42 0.26 3.27
N GLY B 110 1.31 0.85 4.04
CA GLY B 110 2.75 0.84 3.75
C GLY B 110 3.16 2.22 3.28
N VAL B 111 4.43 2.47 3.48
CA VAL B 111 5.04 3.73 3.04
C VAL B 111 4.69 4.16 1.62
N PRO B 112 4.89 3.24 0.64
CA PRO B 112 4.66 3.65 -0.76
C PRO B 112 3.21 4.13 -1.00
N SER B 113 2.27 3.38 -0.45
CA SER B 113 0.87 3.72 -0.58
C SER B 113 0.47 5.07 0.05
N ILE B 114 1.06 5.42 1.19
CA ILE B 114 0.68 6.68 1.81
C ILE B 114 1.44 7.77 1.12
N ALA B 115 2.64 7.44 0.70
CA ALA B 115 3.42 8.44 0.04
C ALA B 115 2.71 8.92 -1.23
N ILE B 116 1.99 8.01 -1.94
CA ILE B 116 1.32 8.43 -3.21
C ILE B 116 0.17 9.33 -2.87
N MET B 117 -0.58 8.95 -1.86
CA MET B 117 -1.61 9.75 -1.28
C MET B 117 -1.14 11.12 -0.85
N LEU B 118 0.01 11.21 -0.17
CA LEU B 118 0.43 12.47 0.39
C LEU B 118 0.81 13.47 -0.73
N HIS B 119 1.52 13.00 -1.75
CA HIS B 119 1.87 13.90 -2.81
C HIS B 119 0.63 14.45 -3.48
N GLU B 120 -0.37 13.63 -3.74
CA GLU B 120 -1.50 14.22 -4.48
C GLU B 120 -2.30 15.08 -3.52
N LEU B 121 -2.37 14.66 -2.26
CA LEU B 121 -3.07 15.41 -1.22
C LEU B 121 -2.50 16.82 -1.05
N ILE B 122 -1.19 16.89 -0.88
CA ILE B 122 -0.60 18.15 -0.66
C ILE B 122 -0.83 19.00 -1.90
N LYS B 123 -0.81 18.39 -3.10
CA LYS B 123 -0.96 19.16 -4.31
C LYS B 123 -2.40 19.59 -4.24
N LEU B 124 -3.35 18.68 -3.97
CA LEU B 124 -4.75 19.07 -3.79
C LEU B 124 -4.94 20.31 -2.87
N LEU B 125 -4.23 20.39 -1.74
CA LEU B 125 -4.48 21.45 -0.77
C LEU B 125 -3.87 22.73 -1.35
N TYR B 126 -2.78 22.53 -2.04
CA TYR B 126 -2.12 23.65 -2.57
C TYR B 126 -2.99 24.30 -3.69
N HIS B 127 -3.58 23.49 -4.57
CA HIS B 127 -4.45 24.02 -5.61
C HIS B 127 -5.69 24.65 -5.01
N ALA B 128 -6.14 24.14 -3.85
CA ALA B 128 -7.35 24.62 -3.22
C ALA B 128 -7.09 25.97 -2.51
N HIS B 129 -5.82 26.41 -2.47
CA HIS B 129 -5.31 27.57 -1.72
C HIS B 129 -5.72 27.41 -0.25
N CYS B 130 -5.53 26.25 0.32
CA CYS B 130 -5.88 25.99 1.71
C CYS B 130 -4.87 26.67 2.64
N SER B 131 -5.28 26.93 3.88
CA SER B 131 -4.39 27.56 4.86
C SER B 131 -4.71 27.17 6.28
N GLY B 132 -3.69 27.20 7.11
CA GLY B 132 -3.80 26.75 8.47
C GLY B 132 -4.24 25.30 8.65
N VAL B 133 -3.67 24.43 7.83
CA VAL B 133 -4.11 23.05 7.82
C VAL B 133 -3.31 22.22 8.84
N THR B 134 -3.96 21.25 9.45
CA THR B 134 -3.32 20.26 10.31
C THR B 134 -3.61 18.91 9.69
N LEU B 135 -2.61 18.02 9.73
CA LEU B 135 -2.72 16.68 9.18
C LEU B 135 -2.43 15.78 10.29
N ILE B 136 -3.25 14.75 10.44
CA ILE B 136 -3.18 13.78 11.50
C ILE B 136 -3.52 12.38 10.93
N ARG B 137 -2.59 11.48 11.06
CA ARG B 137 -2.90 10.14 10.75
C ARG B 137 -3.60 9.46 11.95
N ILE B 138 -4.72 8.78 11.76
CA ILE B 138 -5.22 7.93 12.79
C ILE B 138 -5.14 6.53 12.33
N GLY B 139 -4.39 5.67 13.02
CA GLY B 139 -4.15 4.32 12.59
C GLY B 139 -4.09 3.21 13.66
N THR B 140 -3.50 2.07 13.27
CA THR B 140 -3.40 0.97 14.19
C THR B 140 -1.96 0.57 14.23
N SER B 141 -1.55 -0.18 15.24
CA SER B 141 -0.15 -0.44 15.40
C SER B 141 -0.05 -1.58 16.39
N GLY B 142 1.17 -2.10 16.61
CA GLY B 142 1.44 -3.13 17.55
C GLY B 142 2.09 -2.38 18.67
N GLY B 143 1.61 -2.60 19.93
CA GLY B 143 2.20 -1.88 21.04
C GLY B 143 3.39 -2.63 21.54
N ILE B 144 4.28 -1.96 22.23
CA ILE B 144 5.34 -2.70 22.92
C ILE B 144 5.28 -2.35 24.39
N GLY B 145 4.87 -3.34 25.23
CA GLY B 145 4.77 -3.18 26.66
C GLY B 145 3.62 -2.28 27.13
N LEU B 146 2.52 -2.26 26.39
CA LEU B 146 1.34 -1.48 26.70
C LEU B 146 0.22 -2.45 26.70
N GLU B 147 -0.78 -2.23 27.54
CA GLU B 147 -1.98 -3.04 27.45
C GLU B 147 -2.60 -2.77 26.06
N PRO B 148 -3.12 -3.82 25.40
CA PRO B 148 -3.84 -3.59 24.13
C PRO B 148 -4.94 -2.53 24.27
N GLY B 149 -5.14 -1.73 23.21
CA GLY B 149 -6.15 -0.71 23.17
C GLY B 149 -5.54 0.64 23.58
N SER B 150 -4.30 0.67 24.12
CA SER B 150 -3.63 1.95 24.41
C SER B 150 -3.40 2.69 23.09
N VAL B 151 -3.57 4.01 23.14
CA VAL B 151 -3.30 4.81 21.98
C VAL B 151 -1.97 5.46 22.19
N VAL B 152 -1.13 5.56 21.16
CA VAL B 152 0.21 6.16 21.31
C VAL B 152 0.19 7.44 20.49
N ILE B 153 0.63 8.59 21.01
CA ILE B 153 0.74 9.79 20.22
C ILE B 153 2.21 9.81 19.94
N THR B 154 2.59 9.71 18.68
CA THR B 154 3.98 9.59 18.32
C THR B 154 4.74 10.91 18.42
N ARG B 155 5.91 10.89 19.05
CA ARG B 155 6.84 12.04 19.15
C ARG B 155 7.80 12.01 17.97
N GLN B 156 8.38 10.85 17.76
CA GLN B 156 9.38 10.71 16.74
C GLN B 156 9.03 9.44 15.97
N ALA B 157 9.00 9.51 14.66
CA ALA B 157 8.78 8.30 13.92
C ALA B 157 10.16 7.84 13.79
N VAL B 158 10.39 6.56 13.92
CA VAL B 158 11.76 6.17 13.94
C VAL B 158 11.88 4.93 13.04
N ASP B 159 13.08 4.66 12.56
CA ASP B 159 13.26 3.58 11.57
C ASP B 159 13.58 2.29 12.34
N PRO B 160 13.80 1.16 11.63
CA PRO B 160 14.01 -0.08 12.32
C PRO B 160 15.32 -0.22 13.07
N CYS B 161 16.23 0.76 12.98
CA CYS B 161 17.46 0.85 13.83
C CYS B 161 17.32 1.98 14.84
N PHE B 162 16.10 2.45 14.91
CA PHE B 162 15.74 3.41 15.94
C PHE B 162 16.14 4.83 15.63
N LYS B 163 16.52 5.15 14.41
CA LYS B 163 16.96 6.53 14.17
C LYS B 163 15.78 7.27 13.62
N PRO B 164 15.56 8.50 14.06
CA PRO B 164 14.43 9.30 13.45
C PRO B 164 14.77 9.81 12.07
N GLU B 165 14.99 8.94 11.10
CA GLU B 165 15.28 9.34 9.70
C GLU B 165 14.43 8.55 8.71
N PHE B 166 14.14 9.17 7.58
CA PHE B 166 13.47 8.50 6.51
C PHE B 166 14.32 8.47 5.25
N GLU B 167 14.78 7.29 4.84
CA GLU B 167 15.63 7.10 3.65
C GLU B 167 14.77 7.04 2.38
N GLN B 168 15.06 7.85 1.37
CA GLN B 168 14.46 7.66 0.06
C GLN B 168 15.47 7.52 -1.03
N ILE B 169 15.18 6.78 -2.10
CA ILE B 169 16.09 6.78 -3.25
C ILE B 169 15.58 7.65 -4.36
N VAL B 170 16.40 8.61 -4.77
CA VAL B 170 15.95 9.59 -5.72
C VAL B 170 16.98 9.60 -6.80
N LEU B 171 16.55 9.26 -8.02
CA LEU B 171 17.44 8.97 -9.13
C LEU B 171 18.60 8.11 -8.67
N GLY B 172 18.37 7.11 -7.82
CA GLY B 172 19.42 6.16 -7.51
C GLY B 172 20.38 6.57 -6.40
N LYS B 173 20.11 7.72 -5.80
CA LYS B 173 20.93 8.21 -4.73
C LYS B 173 20.10 8.24 -3.43
N ARG B 174 20.72 7.84 -2.35
CA ARG B 174 20.13 7.78 -1.03
C ARG B 174 19.87 9.23 -0.57
N GLU B 175 18.67 9.59 -0.12
CA GLU B 175 18.42 10.91 0.49
C GLU B 175 17.75 10.72 1.83
N VAL B 176 18.06 11.54 2.80
CA VAL B 176 17.58 11.30 4.17
C VAL B 176 16.78 12.53 4.74
N ARG B 177 15.65 12.32 5.38
CA ARG B 177 14.94 13.44 5.93
C ARG B 177 14.61 13.19 7.38
N ASN B 178 14.49 14.25 8.18
CA ASN B 178 14.23 14.03 9.57
C ASN B 178 12.72 13.78 9.74
N THR B 179 12.36 12.93 10.73
CA THR B 179 11.02 12.49 10.93
C THR B 179 10.48 12.76 12.33
N ASP B 180 10.81 13.90 12.93
CA ASP B 180 10.20 14.30 14.20
C ASP B 180 8.86 14.92 13.91
N LEU B 181 7.93 14.85 14.87
CA LEU B 181 6.63 15.54 14.79
C LEU B 181 6.53 16.80 15.69
N ASP B 182 5.68 17.76 15.34
CA ASP B 182 5.50 18.97 16.15
C ASP B 182 5.20 18.61 17.64
N GLU B 183 6.13 18.95 18.54
CA GLU B 183 6.02 18.76 19.97
C GLU B 183 4.74 19.33 20.59
N GLN B 184 4.30 20.49 20.14
CA GLN B 184 3.25 21.13 20.83
C GLN B 184 2.01 20.48 20.44
N LEU B 185 1.94 19.93 19.21
CA LEU B 185 0.72 19.25 18.82
C LEU B 185 0.58 17.93 19.59
N VAL B 186 1.68 17.28 19.88
CA VAL B 186 1.58 16.10 20.73
C VAL B 186 1.08 16.38 22.14
N GLN B 187 1.62 17.45 22.74
CA GLN B 187 1.19 17.83 24.06
C GLN B 187 -0.31 18.16 24.02
N GLU B 188 -0.73 18.87 23.01
CA GLU B 188 -2.14 19.22 22.88
C GLU B 188 -3.05 17.98 22.65
N LEU B 189 -2.56 17.03 21.85
CA LEU B 189 -3.31 15.77 21.68
C LEU B 189 -3.40 14.97 23.01
N ALA B 190 -2.30 14.89 23.76
CA ALA B 190 -2.35 14.24 25.05
C ALA B 190 -3.44 14.90 25.92
N ARG B 191 -3.44 16.22 25.95
CA ARG B 191 -4.37 16.99 26.75
C ARG B 191 -5.79 16.66 26.33
N CYS B 192 -6.04 16.44 25.06
CA CYS B 192 -7.42 16.04 24.65
C CYS B 192 -7.83 14.69 25.10
N SER B 193 -6.87 13.79 25.04
CA SER B 193 -7.12 12.42 25.41
C SER B 193 -7.42 12.45 26.92
N ALA B 194 -6.66 13.22 27.70
CA ALA B 194 -6.99 13.43 29.11
C ALA B 194 -8.44 13.92 29.30
N GLU B 195 -8.92 14.82 28.45
CA GLU B 195 -10.29 15.34 28.60
C GLU B 195 -11.34 14.35 28.42
N LEU B 196 -11.08 13.36 27.59
CA LEU B 196 -12.07 12.31 27.33
C LEU B 196 -12.06 11.32 28.44
N GLY B 197 -10.87 10.98 28.95
CA GLY B 197 -10.70 9.97 29.98
C GLY B 197 -11.31 8.59 29.71
N GLU B 198 -11.18 8.11 28.46
CA GLU B 198 -11.83 6.91 28.02
C GLU B 198 -10.92 5.73 27.86
N PHE B 199 -9.62 5.98 27.66
CA PHE B 199 -8.66 4.90 27.36
C PHE B 199 -7.28 5.45 27.58
N PRO B 200 -6.29 4.58 27.87
CA PRO B 200 -4.95 5.04 28.18
C PRO B 200 -4.29 5.60 26.93
N THR B 201 -3.43 6.61 27.06
CA THR B 201 -2.76 7.18 25.92
C THR B 201 -1.40 7.66 26.40
N VAL B 202 -0.33 7.23 25.75
CA VAL B 202 1.00 7.68 26.15
C VAL B 202 1.65 8.40 24.99
N VAL B 203 2.73 9.12 25.25
CA VAL B 203 3.47 9.64 24.14
C VAL B 203 4.73 8.86 24.07
N GLY B 204 5.15 8.52 22.86
CA GLY B 204 6.20 7.52 22.66
C GLY B 204 6.71 7.67 21.24
N ASN B 205 7.83 7.05 20.96
CA ASN B 205 8.28 6.96 19.61
C ASN B 205 7.66 5.73 18.96
N THR B 206 7.60 5.81 17.65
CA THR B 206 6.91 4.86 16.80
C THR B 206 7.82 4.33 15.73
N MET B 207 7.95 3.02 15.63
CA MET B 207 8.87 2.48 14.63
C MET B 207 8.06 2.16 13.41
N CYS B 208 8.57 2.53 12.25
CA CYS B 208 7.89 2.34 11.03
C CYS B 208 8.62 1.34 10.18
N THR B 209 7.95 0.31 9.67
CA THR B 209 8.68 -0.71 8.92
C THR B 209 8.04 -0.96 7.57
N LEU B 210 8.76 -1.71 6.72
CA LEU B 210 8.30 -2.02 5.37
C LEU B 210 7.71 -3.42 5.28
N ASP B 211 7.53 -4.10 6.38
CA ASP B 211 7.01 -5.43 6.33
C ASP B 211 6.34 -5.63 7.65
N PHE B 212 5.14 -6.19 7.64
CA PHE B 212 4.34 -6.44 8.82
C PHE B 212 4.87 -7.65 9.51
N TYR B 213 5.49 -8.57 8.77
CA TYR B 213 5.87 -9.90 9.35
C TYR B 213 7.34 -10.06 9.77
N GLU B 214 8.25 -10.35 8.84
CA GLU B 214 9.65 -10.27 9.23
C GLU B 214 10.02 -8.84 9.57
N GLY B 215 9.32 -7.87 9.04
CA GLY B 215 9.74 -6.51 9.33
C GLY B 215 9.49 -6.13 10.79
N GLN B 216 8.57 -6.83 11.46
CA GLN B 216 8.21 -6.41 12.82
C GLN B 216 8.51 -7.48 13.85
N GLY B 217 9.41 -8.38 13.51
CA GLY B 217 9.82 -9.41 14.42
C GLY B 217 8.79 -10.52 14.59
N ARG B 218 7.70 -10.59 13.79
CA ARG B 218 6.76 -11.67 13.92
C ARG B 218 7.30 -13.07 13.62
N LEU B 219 6.69 -14.08 14.26
CA LEU B 219 7.07 -15.48 14.09
C LEU B 219 6.08 -16.25 13.23
N ASP B 220 5.18 -15.50 12.64
CA ASP B 220 3.82 -15.77 12.19
C ASP B 220 3.73 -15.67 10.65
N GLY B 221 4.83 -15.35 9.96
CA GLY B 221 4.74 -15.05 8.53
C GLY B 221 4.98 -16.27 7.68
N ALA B 222 5.08 -16.13 6.36
CA ALA B 222 5.40 -17.26 5.47
C ALA B 222 6.89 -17.61 5.51
N LEU B 223 7.69 -16.65 5.95
CA LEU B 223 9.12 -16.76 6.14
C LEU B 223 9.49 -16.28 7.54
N CYS B 224 10.47 -16.96 8.12
CA CYS B 224 11.02 -16.50 9.36
C CYS B 224 12.23 -17.33 9.72
N SER B 225 13.38 -16.72 9.75
CA SER B 225 14.64 -17.45 10.04
C SER B 225 15.14 -17.18 11.50
N TYR B 226 14.23 -16.89 12.46
CA TYR B 226 14.65 -16.49 13.80
C TYR B 226 13.69 -16.99 14.91
N THR B 227 14.07 -16.79 16.17
CA THR B 227 13.32 -17.39 17.29
C THR B 227 12.61 -16.40 18.20
N GLU B 228 11.77 -16.95 19.06
CA GLU B 228 11.08 -16.18 20.05
C GLU B 228 12.08 -15.36 20.83
N LYS B 229 13.22 -15.94 21.21
CA LYS B 229 14.07 -15.10 21.99
C LYS B 229 14.73 -13.99 21.20
N ASP B 230 15.00 -14.23 19.92
CA ASP B 230 15.52 -13.19 19.04
C ASP B 230 14.54 -12.03 18.90
N LYS B 231 13.26 -12.36 18.72
CA LYS B 231 12.21 -11.35 18.65
C LYS B 231 12.12 -10.51 19.92
N GLN B 232 12.15 -11.19 21.08
CA GLN B 232 12.09 -10.54 22.41
C GLN B 232 13.26 -9.64 22.60
N ASP B 233 14.43 -10.09 22.20
CA ASP B 233 15.59 -9.26 22.45
C ASP B 233 15.48 -7.96 21.65
N TYR B 234 14.93 -8.07 20.43
CA TYR B 234 14.80 -6.92 19.52
C TYR B 234 13.70 -5.99 20.00
N LEU B 235 12.55 -6.55 20.41
CA LEU B 235 11.49 -5.69 20.90
C LEU B 235 11.84 -4.94 22.21
N ARG B 236 12.55 -5.62 23.11
CA ARG B 236 13.00 -4.98 24.40
C ARG B 236 13.99 -3.86 24.10
N ALA B 237 14.81 -4.05 23.06
CA ALA B 237 15.79 -2.99 22.75
C ALA B 237 15.05 -1.80 22.21
N ALA B 238 14.05 -2.06 21.38
CA ALA B 238 13.21 -0.99 20.87
C ALA B 238 12.58 -0.24 22.05
N TYR B 239 12.04 -0.99 23.00
CA TYR B 239 11.40 -0.38 24.19
C TYR B 239 12.32 0.59 24.92
N ALA B 240 13.58 0.18 25.11
CA ALA B 240 14.63 0.98 25.81
C ALA B 240 15.01 2.22 25.02
N ALA B 241 14.77 2.17 23.73
CA ALA B 241 15.14 3.31 22.95
C ALA B 241 13.95 4.25 22.94
N GLY B 242 12.86 3.90 23.59
CA GLY B 242 11.73 4.85 23.67
C GLY B 242 10.53 4.53 22.80
N ILE B 243 10.64 3.49 21.98
CA ILE B 243 9.59 3.16 21.06
C ILE B 243 8.45 2.48 21.81
N ARG B 244 7.20 2.87 21.56
CA ARG B 244 6.07 2.24 22.24
C ARG B 244 5.09 1.49 21.30
N ASN B 245 5.20 1.78 20.00
CA ASN B 245 4.40 1.04 19.08
C ASN B 245 5.09 0.89 17.70
N ILE B 246 4.48 0.05 16.86
CA ILE B 246 5.10 -0.30 15.60
C ILE B 246 4.06 -0.25 14.53
N GLU B 247 4.35 0.49 13.47
CA GLU B 247 3.49 0.44 12.35
C GLU B 247 4.18 0.68 11.00
N MET B 248 3.48 1.18 9.97
CA MET B 248 4.02 1.12 8.62
C MET B 248 3.91 2.37 7.86
N GLU B 249 3.41 3.45 8.48
CA GLU B 249 3.32 4.72 7.75
C GLU B 249 3.98 5.97 8.31
N ALA B 250 4.44 5.96 9.55
CA ALA B 250 4.58 7.20 10.33
C ALA B 250 5.72 8.05 9.73
N SER B 251 6.77 7.34 9.39
CA SER B 251 7.95 7.86 8.81
C SER B 251 7.83 8.76 7.60
N VAL B 252 7.21 8.28 6.51
CA VAL B 252 7.18 9.11 5.30
C VAL B 252 6.24 10.25 5.59
N PHE B 253 5.24 9.93 6.43
CA PHE B 253 4.18 10.89 6.76
C PHE B 253 4.84 12.08 7.43
N ALA B 254 5.71 11.80 8.43
CA ALA B 254 6.42 12.83 9.10
C ALA B 254 7.42 13.52 8.15
N ALA B 255 8.18 12.72 7.39
CA ALA B 255 9.15 13.33 6.50
C ALA B 255 8.45 14.26 5.52
N MET B 256 7.34 13.85 4.95
CA MET B 256 6.78 14.74 3.93
C MET B 256 6.11 15.97 4.52
N CYS B 257 5.38 15.83 5.60
CA CYS B 257 4.87 17.03 6.27
C CYS B 257 6.01 18.03 6.65
N ASN B 258 7.12 17.51 7.23
CA ASN B 258 8.27 18.36 7.56
C ASN B 258 8.81 19.02 6.32
N ALA B 259 9.12 18.24 5.30
CA ALA B 259 9.58 18.83 4.05
C ALA B 259 8.71 20.00 3.58
N CYS B 260 7.40 19.91 3.73
CA CYS B 260 6.52 21.03 3.26
C CYS B 260 6.07 22.01 4.35
N GLY B 261 6.63 21.95 5.56
CA GLY B 261 6.15 22.82 6.64
C GLY B 261 4.67 22.67 7.07
N LEU B 262 4.11 21.45 7.07
CA LEU B 262 2.76 21.21 7.54
C LEU B 262 2.78 20.68 8.95
N ARG B 263 1.87 21.11 9.83
CA ARG B 263 1.89 20.64 11.23
C ARG B 263 1.22 19.29 11.17
N ALA B 264 1.83 18.26 11.73
CA ALA B 264 1.25 16.96 11.59
C ALA B 264 1.41 16.16 12.88
N ALA B 265 0.53 15.22 13.12
CA ALA B 265 0.63 14.26 14.23
C ALA B 265 0.24 12.89 13.77
N VAL B 266 0.73 11.89 14.48
CA VAL B 266 0.30 10.54 14.24
C VAL B 266 -0.35 10.00 15.52
N VAL B 267 -1.58 9.51 15.43
CA VAL B 267 -2.23 8.97 16.60
C VAL B 267 -2.72 7.58 16.22
N CYS B 268 -2.10 6.57 16.83
CA CYS B 268 -2.45 5.21 16.59
C CYS B 268 -2.88 4.36 17.81
N VAL B 269 -3.88 3.52 17.62
CA VAL B 269 -4.22 2.58 18.64
C VAL B 269 -3.33 1.38 18.51
N THR B 270 -3.28 0.60 19.55
CA THR B 270 -2.39 -0.53 19.70
C THR B 270 -3.30 -1.77 19.69
N LEU B 271 -3.12 -2.66 18.74
CA LEU B 271 -4.07 -3.79 18.61
C LEU B 271 -3.65 -4.98 19.50
N LEU B 272 -2.44 -4.98 20.07
CA LEU B 272 -2.04 -6.06 20.92
C LEU B 272 -0.70 -5.64 21.35
N ASN B 273 -0.19 -6.37 22.35
CA ASN B 273 1.10 -6.13 22.89
C ASN B 273 2.05 -7.07 22.28
N ARG B 274 2.98 -6.54 21.51
CA ARG B 274 3.91 -7.44 20.80
C ARG B 274 4.84 -8.27 21.71
N LEU B 275 5.04 -7.87 22.97
CA LEU B 275 5.82 -8.74 23.88
C LEU B 275 5.04 -10.02 24.22
N GLU B 276 3.81 -10.11 23.79
CA GLU B 276 3.02 -11.23 24.19
C GLU B 276 2.54 -12.03 23.03
N GLY B 277 2.79 -11.55 21.81
CA GLY B 277 2.19 -12.18 20.63
C GLY B 277 2.35 -11.45 19.33
N ASP B 278 2.02 -12.19 18.26
CA ASP B 278 2.12 -11.72 16.90
C ASP B 278 0.75 -11.66 16.24
N GLN B 279 -0.13 -12.55 16.67
CA GLN B 279 -1.40 -12.73 16.01
C GLN B 279 -2.49 -11.83 16.62
N ILE B 280 -3.33 -11.23 15.81
CA ILE B 280 -4.36 -10.35 16.30
C ILE B 280 -5.61 -11.16 16.57
N SER B 281 -5.81 -11.64 17.77
CA SER B 281 -6.97 -12.53 18.03
C SER B 281 -8.06 -11.96 18.92
N SER B 282 -7.95 -10.71 19.33
CA SER B 282 -9.13 -10.07 19.89
C SER B 282 -10.40 -10.29 19.04
N PRO B 283 -11.57 -10.47 19.69
CA PRO B 283 -12.88 -10.56 19.03
C PRO B 283 -13.09 -9.33 18.23
N HIS B 284 -13.90 -9.48 17.21
CA HIS B 284 -14.01 -8.41 16.23
C HIS B 284 -14.62 -7.18 16.90
N ASP B 285 -15.30 -7.36 18.01
CA ASP B 285 -16.09 -6.31 18.62
C ASP B 285 -15.16 -5.34 19.32
N VAL B 286 -14.18 -5.94 19.98
CA VAL B 286 -13.14 -5.27 20.68
C VAL B 286 -12.17 -4.55 19.68
N LEU B 287 -11.79 -5.21 18.58
CA LEU B 287 -10.96 -4.55 17.57
C LEU B 287 -11.71 -3.34 17.04
N ALA B 288 -13.01 -3.42 16.91
CA ALA B 288 -13.68 -2.30 16.31
C ALA B 288 -13.66 -1.11 17.28
N GLU B 289 -13.99 -1.36 18.55
CA GLU B 289 -13.89 -0.35 19.55
C GLU B 289 -12.50 0.32 19.64
N TYR B 290 -11.44 -0.50 19.65
CA TYR B 290 -10.09 -0.01 19.62
C TYR B 290 -9.88 1.00 18.53
N GLN B 291 -10.43 0.74 17.37
CA GLN B 291 -10.36 1.66 16.23
C GLN B 291 -11.06 2.96 16.41
N GLN B 292 -12.11 2.99 17.24
CA GLN B 292 -12.90 4.19 17.35
C GLN B 292 -12.07 5.11 18.23
N ARG B 293 -11.08 4.58 18.94
CA ARG B 293 -10.30 5.36 19.92
C ARG B 293 -9.52 6.55 19.35
N PRO B 294 -8.64 6.33 18.36
CA PRO B 294 -8.07 7.56 17.80
C PRO B 294 -9.07 8.46 17.10
N GLN B 295 -10.15 7.89 16.60
CA GLN B 295 -11.14 8.80 15.99
C GLN B 295 -11.74 9.69 17.09
N ARG B 296 -11.93 9.15 18.29
CA ARG B 296 -12.52 9.94 19.36
C ARG B 296 -11.53 11.00 19.79
N LEU B 297 -10.30 10.58 19.96
CA LEU B 297 -9.32 11.53 20.39
C LEU B 297 -9.25 12.68 19.39
N VAL B 298 -9.13 12.37 18.12
CA VAL B 298 -8.99 13.45 17.14
C VAL B 298 -10.28 14.25 17.00
N GLY B 299 -11.41 13.62 17.25
CA GLY B 299 -12.65 14.34 17.19
C GLY B 299 -12.68 15.38 18.29
N GLN B 300 -12.11 15.06 19.46
CA GLN B 300 -12.05 15.98 20.57
C GLN B 300 -11.12 17.13 20.17
N PHE B 301 -9.94 16.81 19.62
CA PHE B 301 -9.04 17.84 19.17
C PHE B 301 -9.67 18.80 18.14
N ILE B 302 -10.35 18.29 17.14
CA ILE B 302 -11.09 19.16 16.25
C ILE B 302 -12.16 19.98 16.97
N LYS B 303 -12.98 19.37 17.81
CA LYS B 303 -14.01 20.09 18.52
C LYS B 303 -13.43 21.28 19.29
N LYS B 304 -12.26 21.14 19.89
CA LYS B 304 -11.72 22.23 20.68
C LYS B 304 -11.11 23.32 19.83
N ARG B 305 -10.45 22.95 18.76
CA ARG B 305 -9.89 23.96 17.90
C ARG B 305 -11.01 24.78 17.30
N LEU B 306 -12.18 24.20 17.13
CA LEU B 306 -13.29 24.94 16.58
C LEU B 306 -14.08 25.76 17.60
N MET B 307 -14.24 25.27 18.83
CA MET B 307 -14.89 26.06 19.89
C MET B 307 -13.99 27.22 20.32
N GLN B 308 -12.85 27.40 19.65
CA GLN B 308 -11.90 28.41 20.11
C GLN B 308 -11.95 29.65 19.26
N ALA B 309 -11.07 30.61 19.59
CA ALA B 309 -10.90 31.83 18.79
C ALA B 309 -10.37 31.44 17.37
N1 URF C . 2.68 2.31 -11.94
C2 URF C . 3.88 2.78 -11.61
N3 URF C . 4.49 3.80 -12.29
C4 URF C . 3.89 4.38 -13.33
C5 URF C . 2.59 3.87 -13.69
C6 URF C . 2.01 2.83 -12.98
O2 URF C . 4.48 2.26 -10.64
O4 URF C . 4.39 5.31 -14.01
F5 URF C . 2.07 4.44 -14.77
S SO4 D . -1.27 -2.11 -10.04
O1 SO4 D . -2.30 -1.46 -10.93
O2 SO4 D . -1.27 -1.47 -8.65
O3 SO4 D . 0.06 -1.92 -10.58
O4 SO4 D . -1.32 -3.59 -9.95
C1 R2G E . 1.73 0.38 -10.60
C2 R2G E . 1.96 -0.27 -9.46
C3 R2G E . 0.83 0.34 -8.57
O3 R2G E . 1.19 0.04 -7.27
C4 R2G E . 0.99 1.75 -9.03
O4 R2G E . 0.67 1.22 -10.36
C5 R2G E . 0.14 3.04 -8.89
O5 R2G E . -0.35 3.58 -10.17
N1 URF F . -0.14 -2.48 12.33
C2 URF F . 1.14 -2.84 12.33
N3 URF F . 1.61 -3.76 13.21
C4 URF F . 0.80 -4.35 14.07
C5 URF F . -0.63 -3.94 14.07
C6 URF F . -1.06 -3.02 13.16
O2 URF F . 1.92 -2.28 11.53
O4 URF F . 1.26 -5.24 14.85
F5 URF F . -1.53 -4.47 14.92
S SO4 G . -4.08 1.68 9.55
O1 SO4 G . -2.89 1.47 10.40
O2 SO4 G . -4.33 3.14 9.49
O3 SO4 G . -3.88 1.14 8.21
O4 SO4 G . -5.28 0.97 10.13
C1 R2G H . -0.68 -0.44 10.69
C2 R2G H . -0.40 0.21 9.54
C3 R2G H . -1.27 -0.58 8.49
O3 R2G H . -0.66 -0.54 7.23
C4 R2G H . -1.16 -1.97 9.13
O4 R2G H . -1.62 -1.48 10.43
C5 R2G H . -1.73 -3.33 8.74
O5 R2G H . -2.45 -3.95 9.83
#